data_8JI7
#
_entry.id   8JI7
#
_cell.length_a   65.353
_cell.length_b   65.353
_cell.length_c   117.269
_cell.angle_alpha   90.00
_cell.angle_beta   90.00
_cell.angle_gamma   90.00
#
_symmetry.space_group_name_H-M   'P 41'
#
loop_
_entity.id
_entity.type
_entity.pdbx_description
1 polymer AetD
2 non-polymer 'FE (II) ION'
3 non-polymer TRYPTOPHAN
4 non-polymer 'NICKEL (II) ION'
5 water water
#
_entity_poly.entity_id   1
_entity_poly.type   'polypeptide(L)'
_entity_poly.pdbx_seq_one_letter_code
;AGAGAGAGAGMKAILQLILEKRQEFEKLPCFEFVRDETISPEERLILYPCIAAFALNFRDLNRYDYRDDNSSDYYQKIIN
IHTQEDAKHWEWFLNDLELLGFDKTMRFSEALRFVWSDDLLHTRRLCHNIAVLSHDLEPVMKMVVIEAMETAGLVIFHAL
AKPGESIAKATRRKYLYVADSHVEVETGHAVGTENIITILEQTQLSSEQEEKAKEIVNKVFQWSTNLIGEFERYVKAHRS
EKAQPTAAY
;
_entity_poly.pdbx_strand_id   A,B
#
loop_
_chem_comp.id
_chem_comp.type
_chem_comp.name
_chem_comp.formula
FE2 non-polymer 'FE (II) ION' 'Fe 2'
NI non-polymer 'NICKEL (II) ION' 'Ni 2'
#
# COMPACT_ATOMS: atom_id res chain seq x y z
N MET A 11 31.25 -7.46 -5.51
CA MET A 11 30.19 -7.91 -6.48
C MET A 11 30.16 -9.44 -6.50
N LYS A 12 31.31 -10.08 -6.72
CA LYS A 12 31.50 -11.54 -6.57
C LYS A 12 31.07 -11.94 -5.15
N ALA A 13 31.46 -11.14 -4.13
CA ALA A 13 31.04 -11.29 -2.73
C ALA A 13 29.51 -11.09 -2.62
N ILE A 14 28.96 -10.03 -3.20
CA ILE A 14 27.51 -9.71 -3.16
C ILE A 14 26.71 -10.89 -3.72
N LEU A 15 27.07 -11.37 -4.91
CA LEU A 15 26.33 -12.49 -5.56
C LEU A 15 26.41 -13.74 -4.68
N GLN A 16 27.53 -13.91 -3.96
CA GLN A 16 27.75 -15.06 -3.05
C GLN A 16 26.94 -14.87 -1.76
N LEU A 17 26.72 -13.63 -1.33
CA LEU A 17 25.88 -13.36 -0.12
C LEU A 17 24.44 -13.73 -0.49
N ILE A 18 23.97 -13.40 -1.68
CA ILE A 18 22.58 -13.73 -2.12
C ILE A 18 22.40 -15.26 -2.11
N LEU A 19 23.39 -16.03 -2.57
CA LEU A 19 23.29 -17.52 -2.53
C LEU A 19 23.27 -18.01 -1.07
N GLU A 20 24.08 -17.43 -0.18
CA GLU A 20 24.09 -17.81 1.26
C GLU A 20 22.70 -17.51 1.86
N LYS A 21 22.19 -16.31 1.59
CA LYS A 21 20.86 -15.89 2.11
C LYS A 21 19.78 -16.83 1.60
N ARG A 22 19.81 -17.23 0.32
CA ARG A 22 18.80 -18.15 -0.31
C ARG A 22 18.83 -19.49 0.46
N GLN A 23 20.03 -20.00 0.71
CA GLN A 23 20.24 -21.32 1.37
C GLN A 23 19.62 -21.27 2.77
N GLU A 24 19.81 -20.18 3.52
CA GLU A 24 19.18 -19.95 4.85
C GLU A 24 17.65 -19.84 4.70
N PHE A 25 17.17 -18.98 3.81
CA PHE A 25 15.74 -18.74 3.54
C PHE A 25 14.99 -20.04 3.19
N GLU A 26 15.57 -20.87 2.30
CA GLU A 26 15.10 -22.22 1.91
C GLU A 26 14.77 -23.07 3.14
N LYS A 27 15.50 -22.89 4.24
CA LYS A 27 15.36 -23.74 5.45
C LYS A 27 14.19 -23.34 6.36
N LEU A 28 13.43 -22.29 6.06
CA LEU A 28 12.47 -21.79 7.06
C LEU A 28 11.36 -22.82 7.24
N PRO A 29 10.83 -22.94 8.47
CA PRO A 29 9.78 -23.92 8.76
C PRO A 29 8.57 -23.88 7.82
N CYS A 30 8.15 -22.67 7.41
CA CYS A 30 7.02 -22.55 6.49
C CYS A 30 7.26 -23.38 5.22
N PHE A 31 8.49 -23.43 4.72
CA PHE A 31 8.81 -24.12 3.44
C PHE A 31 8.86 -25.63 3.71
N GLU A 32 9.36 -26.07 4.86
CA GLU A 32 9.25 -27.52 5.22
C GLU A 32 7.77 -27.91 5.19
N PHE A 33 6.89 -27.08 5.76
CA PHE A 33 5.44 -27.36 5.79
C PHE A 33 4.88 -27.45 4.36
N VAL A 34 5.17 -26.46 3.51
CA VAL A 34 4.55 -26.39 2.17
C VAL A 34 5.02 -27.54 1.26
N ARG A 35 6.19 -28.10 1.55
CA ARG A 35 6.81 -29.20 0.80
C ARG A 35 6.35 -30.57 1.38
N ASP A 36 5.66 -30.61 2.50
CA ASP A 36 5.35 -31.88 3.21
C ASP A 36 4.21 -32.57 2.49
N GLU A 37 4.52 -33.54 1.62
CA GLU A 37 3.52 -34.29 0.83
C GLU A 37 2.61 -35.16 1.72
N THR A 38 2.89 -35.39 3.02
CA THR A 38 1.99 -36.13 3.95
C THR A 38 0.81 -35.27 4.39
N ILE A 39 0.90 -33.97 4.15
CA ILE A 39 -0.19 -33.00 4.48
C ILE A 39 -0.96 -32.73 3.19
N SER A 40 -2.29 -32.74 3.22
CA SER A 40 -3.08 -32.47 1.99
C SER A 40 -2.64 -31.11 1.44
N PRO A 41 -2.58 -30.96 0.11
CA PRO A 41 -2.15 -29.71 -0.50
C PRO A 41 -3.13 -28.57 -0.22
N GLU A 42 -4.40 -28.92 -0.02
CA GLU A 42 -5.46 -27.95 0.36
C GLU A 42 -5.09 -27.32 1.71
N GLU A 43 -4.60 -28.13 2.65
CA GLU A 43 -4.17 -27.66 3.99
C GLU A 43 -2.92 -26.83 3.76
N ARG A 44 -2.03 -27.22 2.84
CA ARG A 44 -0.73 -26.50 2.75
C ARG A 44 -0.94 -25.12 2.12
N LEU A 45 -1.96 -24.98 1.30
CA LEU A 45 -2.30 -23.67 0.69
C LEU A 45 -3.30 -22.91 1.53
N ILE A 46 -3.40 -23.16 2.84
CA ILE A 46 -4.22 -22.30 3.74
C ILE A 46 -3.69 -20.87 3.64
N LEU A 47 -2.40 -20.69 3.42
CA LEU A 47 -1.74 -19.36 3.42
C LEU A 47 -2.08 -18.54 2.14
N TYR A 48 -2.71 -19.10 1.12
CA TYR A 48 -2.76 -18.49 -0.22
C TYR A 48 -3.42 -17.11 -0.14
N PRO A 49 -4.54 -16.92 0.59
CA PRO A 49 -5.21 -15.61 0.58
C PRO A 49 -4.31 -14.51 1.16
N CYS A 50 -3.39 -14.85 2.05
CA CYS A 50 -2.37 -13.94 2.60
C CYS A 50 -1.70 -13.18 1.47
N ILE A 51 -1.53 -13.84 0.32
CA ILE A 51 -0.73 -13.26 -0.78
C ILE A 51 -1.49 -12.04 -1.31
N ALA A 52 -2.78 -11.93 -1.05
CA ALA A 52 -3.59 -10.73 -1.41
C ALA A 52 -2.96 -9.44 -0.86
N ALA A 53 -2.26 -9.44 0.28
CA ALA A 53 -1.64 -8.24 0.86
C ALA A 53 -0.33 -7.89 0.14
N PHE A 54 0.21 -8.79 -0.71
CA PHE A 54 1.50 -8.58 -1.39
C PHE A 54 1.31 -8.48 -2.90
N ALA A 55 0.45 -9.27 -3.54
CA ALA A 55 0.56 -9.54 -5.00
C ALA A 55 0.27 -8.26 -5.82
N LEU A 56 -0.72 -7.47 -5.40
CA LEU A 56 -1.02 -6.24 -6.18
C LEU A 56 -0.07 -5.10 -5.78
N ASN A 57 0.38 -5.00 -4.54
CA ASN A 57 1.49 -4.10 -4.16
C ASN A 57 2.74 -4.40 -4.98
N PHE A 58 3.03 -5.68 -5.24
CA PHE A 58 4.20 -6.03 -6.07
C PHE A 58 3.99 -5.55 -7.51
N ARG A 59 2.81 -5.74 -8.03
CA ARG A 59 2.48 -5.17 -9.37
C ARG A 59 2.82 -3.68 -9.39
N ASP A 60 2.34 -2.95 -8.40
CA ASP A 60 2.62 -1.49 -8.34
C ASP A 60 4.10 -1.16 -8.14
N LEU A 61 4.85 -1.94 -7.33
CA LEU A 61 6.29 -1.72 -7.15
C LEU A 61 6.96 -1.79 -8.53
N ASN A 62 6.55 -2.75 -9.33
CA ASN A 62 7.12 -3.00 -10.68
C ASN A 62 6.70 -1.86 -11.63
N ARG A 63 5.42 -1.50 -11.65
CA ARG A 63 4.93 -0.44 -12.57
C ARG A 63 5.53 0.92 -12.23
N TYR A 64 5.72 1.25 -10.96
CA TYR A 64 5.82 2.67 -10.54
C TYR A 64 7.11 2.96 -9.80
N ASP A 65 7.76 2.00 -9.12
CA ASP A 65 8.92 2.32 -8.24
C ASP A 65 10.22 1.95 -8.96
N TYR A 66 10.31 0.73 -9.48
CA TYR A 66 11.48 0.18 -10.18
C TYR A 66 11.56 0.84 -11.57
N ARG A 67 10.48 0.68 -12.33
CA ARG A 67 10.32 1.20 -13.73
C ARG A 67 10.60 2.71 -13.74
N ASP A 68 11.42 3.16 -14.68
CA ASP A 68 11.59 4.59 -15.03
C ASP A 68 11.59 4.65 -16.57
N ASP A 69 10.40 4.75 -17.13
CA ASP A 69 10.09 4.81 -18.59
C ASP A 69 11.01 5.85 -19.25
N SER A 71 15.04 8.07 -18.69
CA SER A 71 16.39 8.10 -18.07
C SER A 71 17.48 8.00 -19.15
N SER A 72 17.46 6.93 -19.94
CA SER A 72 18.38 6.65 -21.07
C SER A 72 19.71 6.01 -20.58
N ASP A 73 19.84 5.76 -19.28
CA ASP A 73 20.89 4.89 -18.69
C ASP A 73 20.62 3.44 -19.13
N TYR A 74 21.64 2.75 -19.63
CA TYR A 74 21.59 1.36 -20.16
C TYR A 74 20.97 0.40 -19.13
N TYR A 75 21.33 0.56 -17.84
CA TYR A 75 20.92 -0.32 -16.72
C TYR A 75 19.42 -0.14 -16.42
N GLN A 76 18.94 1.11 -16.37
CA GLN A 76 17.52 1.40 -16.07
C GLN A 76 16.66 0.89 -17.23
N LYS A 77 17.19 0.84 -18.45
CA LYS A 77 16.48 0.25 -19.61
C LYS A 77 16.33 -1.26 -19.40
N ILE A 78 17.36 -1.93 -18.85
CA ILE A 78 17.32 -3.38 -18.54
C ILE A 78 16.27 -3.62 -17.44
N ILE A 79 16.31 -2.81 -16.37
CA ILE A 79 15.33 -2.86 -15.24
C ILE A 79 13.91 -2.79 -15.79
N ASN A 80 13.65 -1.82 -16.67
CA ASN A 80 12.31 -1.52 -17.24
C ASN A 80 11.77 -2.74 -17.98
N ILE A 81 12.62 -3.45 -18.73
CA ILE A 81 12.23 -4.68 -19.46
C ILE A 81 11.75 -5.70 -18.41
N HIS A 82 12.55 -5.90 -17.36
CA HIS A 82 12.32 -6.86 -16.25
C HIS A 82 10.95 -6.60 -15.61
N THR A 83 10.65 -5.33 -15.29
CA THR A 83 9.46 -4.91 -14.51
C THR A 83 8.19 -5.25 -15.28
N GLN A 84 8.24 -5.16 -16.62
CA GLN A 84 7.09 -5.36 -17.53
C GLN A 84 6.56 -6.78 -17.36
N GLU A 85 7.42 -7.81 -17.37
CA GLU A 85 6.98 -9.22 -17.15
C GLU A 85 6.40 -9.36 -15.73
N ASP A 86 7.16 -8.94 -14.73
CA ASP A 86 6.84 -9.09 -13.29
C ASP A 86 5.51 -8.39 -12.98
N ALA A 87 5.20 -7.29 -13.66
CA ALA A 87 3.95 -6.49 -13.46
C ALA A 87 2.72 -7.25 -13.99
N LYS A 88 2.88 -8.44 -14.60
CA LYS A 88 1.75 -9.23 -15.16
C LYS A 88 1.23 -10.31 -14.18
N HIS A 89 1.99 -10.69 -13.16
CA HIS A 89 1.72 -11.94 -12.40
C HIS A 89 0.52 -11.78 -11.45
N TRP A 90 0.15 -10.54 -11.11
CA TRP A 90 -0.99 -10.33 -10.18
C TRP A 90 -2.24 -10.96 -10.76
N GLU A 91 -2.41 -10.90 -12.08
CA GLU A 91 -3.57 -11.56 -12.72
C GLU A 91 -3.57 -13.08 -12.46
N TRP A 92 -2.40 -13.75 -12.57
CA TRP A 92 -2.24 -15.18 -12.22
C TRP A 92 -2.64 -15.43 -10.76
N PHE A 93 -2.20 -14.58 -9.85
CA PHE A 93 -2.66 -14.64 -8.45
C PHE A 93 -4.20 -14.67 -8.40
N LEU A 94 -4.90 -13.76 -9.10
CA LEU A 94 -6.37 -13.74 -9.00
C LEU A 94 -7.00 -14.96 -9.69
N ASN A 95 -6.35 -15.50 -10.72
CA ASN A 95 -6.78 -16.79 -11.35
C ASN A 95 -6.77 -17.91 -10.29
N ASP A 96 -5.63 -18.14 -9.64
CA ASP A 96 -5.53 -19.28 -8.70
C ASP A 96 -6.34 -19.01 -7.42
N LEU A 97 -6.61 -17.75 -7.05
CA LEU A 97 -7.49 -17.44 -5.90
C LEU A 97 -8.86 -18.07 -6.12
N GLU A 98 -9.39 -17.90 -7.34
CA GLU A 98 -10.73 -18.41 -7.72
C GLU A 98 -10.69 -19.95 -7.78
N LEU A 99 -9.70 -20.53 -8.42
CA LEU A 99 -9.62 -22.01 -8.54
C LEU A 99 -9.54 -22.64 -7.14
N LEU A 100 -8.85 -22.03 -6.16
CA LEU A 100 -8.60 -22.63 -4.83
C LEU A 100 -9.84 -22.47 -3.93
N GLY A 101 -10.89 -21.77 -4.41
CA GLY A 101 -12.10 -21.53 -3.62
C GLY A 101 -11.93 -20.41 -2.61
N PHE A 102 -10.94 -19.53 -2.80
CA PHE A 102 -10.62 -18.45 -1.84
C PHE A 102 -11.17 -17.11 -2.35
N ASP A 103 -11.84 -17.13 -3.51
CA ASP A 103 -12.38 -15.85 -4.04
C ASP A 103 -13.82 -15.73 -3.48
N LYS A 104 -13.93 -15.62 -2.16
CA LYS A 104 -15.23 -15.76 -1.45
C LYS A 104 -15.98 -14.42 -1.53
N THR A 105 -17.30 -14.50 -1.44
CA THR A 105 -18.17 -13.32 -1.30
C THR A 105 -18.08 -12.90 0.16
N MET A 106 -18.02 -11.59 0.34
CA MET A 106 -17.80 -10.99 1.65
C MET A 106 -18.18 -9.51 1.53
N ARG A 107 -18.31 -8.85 2.67
CA ARG A 107 -18.53 -7.39 2.70
C ARG A 107 -17.27 -6.72 2.21
N PHE A 108 -17.39 -5.61 1.51
CA PHE A 108 -16.24 -4.76 1.18
C PHE A 108 -15.33 -4.57 2.40
N SER A 109 -15.91 -4.27 3.59
CA SER A 109 -15.11 -3.93 4.79
C SER A 109 -14.32 -5.16 5.27
N GLU A 110 -14.88 -6.34 5.09
CA GLU A 110 -14.18 -7.62 5.46
C GLU A 110 -12.94 -7.76 4.60
N ALA A 111 -13.00 -7.44 3.30
CA ALA A 111 -11.83 -7.53 2.42
C ALA A 111 -10.79 -6.54 2.91
N LEU A 112 -11.23 -5.30 3.21
CA LEU A 112 -10.25 -4.28 3.64
C LEU A 112 -9.62 -4.72 4.98
N ARG A 113 -10.43 -5.15 5.92
CA ARG A 113 -9.90 -5.56 7.24
C ARG A 113 -8.93 -6.73 7.08
N PHE A 114 -9.19 -7.57 6.11
CA PHE A 114 -8.26 -8.71 5.84
C PHE A 114 -6.91 -8.22 5.34
N VAL A 115 -6.90 -7.46 4.23
CA VAL A 115 -5.64 -6.94 3.66
C VAL A 115 -4.83 -6.13 4.69
N TRP A 116 -5.53 -5.26 5.45
CA TRP A 116 -4.90 -4.38 6.45
C TRP A 116 -4.84 -5.04 7.84
N SER A 117 -4.97 -6.38 7.88
CA SER A 117 -4.86 -7.15 9.16
C SER A 117 -3.48 -6.91 9.79
N ASP A 118 -3.43 -6.79 11.11
CA ASP A 118 -2.12 -6.62 11.79
C ASP A 118 -1.36 -7.95 11.68
N ASP A 119 -2.03 -9.06 11.41
CA ASP A 119 -1.31 -10.36 11.18
C ASP A 119 -0.69 -10.44 9.78
N LEU A 120 -0.90 -9.44 8.92
CA LEU A 120 -0.30 -9.43 7.56
C LEU A 120 0.48 -8.13 7.36
N LEU A 121 0.80 -7.43 8.44
CA LEU A 121 1.69 -6.24 8.45
C LEU A 121 2.92 -6.43 7.57
N HIS A 122 3.70 -7.48 7.83
CA HIS A 122 4.98 -7.63 7.12
C HIS A 122 4.77 -8.02 5.67
N THR A 123 3.73 -8.77 5.41
CA THR A 123 3.33 -9.16 4.05
C THR A 123 3.01 -7.90 3.25
N ARG A 124 2.23 -7.06 3.90
CA ARG A 124 1.67 -5.82 3.29
C ARG A 124 2.73 -4.78 3.05
N ARG A 125 3.69 -4.63 3.94
CA ARG A 125 4.74 -3.58 3.89
C ARG A 125 6.01 -4.04 3.16
N LEU A 126 6.12 -5.29 2.73
CA LEU A 126 7.32 -5.77 1.96
C LEU A 126 7.63 -4.81 0.80
N CYS A 127 6.65 -4.61 -0.08
CA CYS A 127 6.84 -3.73 -1.26
C CYS A 127 7.08 -2.27 -0.84
N HIS A 128 6.32 -1.76 0.12
CA HIS A 128 6.52 -0.43 0.74
C HIS A 128 7.98 -0.29 1.14
N ASN A 129 8.51 -1.29 1.85
CA ASN A 129 9.90 -1.23 2.37
C ASN A 129 10.91 -1.20 1.19
N ILE A 130 10.70 -2.00 0.18
CA ILE A 130 11.61 -2.08 -1.01
C ILE A 130 11.57 -0.74 -1.77
N ALA A 131 10.39 -0.14 -1.90
CA ALA A 131 10.21 1.19 -2.57
C ALA A 131 10.97 2.28 -1.80
N VAL A 132 10.90 2.30 -0.47
CA VAL A 132 11.61 3.30 0.39
C VAL A 132 13.11 3.04 0.26
N LEU A 133 13.53 1.78 0.33
CA LEU A 133 14.97 1.43 0.19
C LEU A 133 15.52 1.86 -1.18
N SER A 134 14.69 1.73 -2.22
CA SER A 134 15.06 1.76 -3.66
C SER A 134 15.00 3.17 -4.23
N HIS A 135 14.22 4.08 -3.64
CA HIS A 135 13.73 5.26 -4.42
C HIS A 135 14.90 6.17 -4.83
N ASP A 136 15.98 6.22 -4.06
CA ASP A 136 17.13 7.09 -4.37
C ASP A 136 18.31 6.28 -4.90
N LEU A 137 18.14 4.99 -5.21
CA LEU A 137 19.28 4.13 -5.66
C LEU A 137 19.59 4.43 -7.12
N GLU A 138 20.87 4.46 -7.47
CA GLU A 138 21.33 4.42 -8.88
C GLU A 138 21.00 3.05 -9.48
N PRO A 139 20.85 2.95 -10.81
CA PRO A 139 20.30 1.75 -11.47
C PRO A 139 20.98 0.42 -11.11
N VAL A 140 22.32 0.33 -11.16
CA VAL A 140 23.09 -0.91 -10.79
C VAL A 140 22.65 -1.38 -9.39
N MET A 141 22.28 -0.46 -8.49
CA MET A 141 21.94 -0.84 -7.09
C MET A 141 20.47 -1.26 -7.05
N LYS A 142 19.57 -0.59 -7.78
CA LYS A 142 18.19 -1.11 -8.01
C LYS A 142 18.29 -2.54 -8.57
N MET A 143 19.25 -2.84 -9.44
CA MET A 143 19.42 -4.20 -10.01
C MET A 143 19.72 -5.20 -8.89
N VAL A 144 20.48 -4.79 -7.89
CA VAL A 144 20.79 -5.68 -6.76
C VAL A 144 19.49 -5.97 -5.99
N VAL A 145 18.69 -4.95 -5.68
CA VAL A 145 17.38 -5.10 -4.98
C VAL A 145 16.57 -6.14 -5.74
N ILE A 146 16.47 -5.97 -7.06
CA ILE A 146 15.62 -6.82 -7.94
C ILE A 146 16.14 -8.26 -7.89
N GLU A 147 17.46 -8.44 -7.95
CA GLU A 147 18.06 -9.80 -8.04
C GLU A 147 17.82 -10.52 -6.70
N ALA A 148 18.02 -9.83 -5.57
CA ALA A 148 17.76 -10.43 -4.24
C ALA A 148 16.27 -10.78 -4.18
N MET A 149 15.42 -9.82 -4.54
CA MET A 149 13.97 -10.03 -4.37
C MET A 149 13.56 -11.21 -5.28
N GLU A 150 14.10 -11.27 -6.51
CA GLU A 150 13.75 -12.32 -7.48
C GLU A 150 14.18 -13.68 -6.89
N THR A 151 15.34 -13.73 -6.22
CA THR A 151 15.90 -14.97 -5.58
C THR A 151 14.96 -15.44 -4.44
N ALA A 152 14.49 -14.52 -3.59
CA ALA A 152 13.54 -14.82 -2.49
C ALA A 152 12.28 -15.36 -3.16
N GLY A 153 11.77 -14.68 -4.17
CA GLY A 153 10.55 -15.11 -4.86
C GLY A 153 10.67 -16.51 -5.41
N LEU A 154 11.77 -16.82 -6.07
CA LEU A 154 11.98 -18.16 -6.69
C LEU A 154 11.93 -19.24 -5.61
N VAL A 155 12.49 -18.99 -4.44
CA VAL A 155 12.43 -19.96 -3.31
C VAL A 155 10.96 -20.16 -2.92
N ILE A 156 10.20 -19.07 -2.81
CA ILE A 156 8.80 -19.20 -2.38
C ILE A 156 8.00 -19.95 -3.44
N PHE A 157 8.14 -19.67 -4.73
CA PHE A 157 7.20 -20.23 -5.74
C PHE A 157 7.66 -21.66 -6.08
N HIS A 158 8.94 -21.96 -5.96
CA HIS A 158 9.47 -23.35 -6.05
C HIS A 158 8.72 -24.21 -5.02
N ALA A 159 8.55 -23.69 -3.81
CA ALA A 159 7.83 -24.40 -2.74
C ALA A 159 6.33 -24.44 -3.00
N LEU A 160 5.67 -23.28 -3.24
CA LEU A 160 4.19 -23.26 -3.41
C LEU A 160 3.73 -24.03 -4.64
N ALA A 161 4.57 -24.17 -5.67
CA ALA A 161 4.26 -24.90 -6.90
C ALA A 161 4.11 -26.42 -6.59
N LYS A 162 4.57 -26.91 -5.43
CA LYS A 162 4.37 -28.34 -5.06
C LYS A 162 2.91 -28.66 -4.78
N PRO A 163 2.25 -28.06 -3.75
CA PRO A 163 0.84 -28.35 -3.49
C PRO A 163 0.01 -27.84 -4.68
N GLY A 164 0.44 -26.71 -5.26
CA GLY A 164 -0.20 -26.09 -6.43
C GLY A 164 -0.35 -27.03 -7.61
N GLU A 165 0.74 -27.68 -8.05
CA GLU A 165 0.68 -28.62 -9.20
C GLU A 165 -0.04 -29.93 -8.81
N SER A 166 0.02 -30.35 -7.54
CA SER A 166 -0.77 -31.50 -7.03
C SER A 166 -2.26 -31.21 -7.23
N ILE A 167 -2.74 -30.01 -6.86
CA ILE A 167 -4.19 -29.73 -6.99
C ILE A 167 -4.56 -29.59 -8.48
N ALA A 168 -3.70 -28.98 -9.27
CA ALA A 168 -3.88 -28.73 -10.71
C ALA A 168 -4.07 -30.08 -11.43
N LYS A 169 -3.22 -31.07 -11.13
CA LYS A 169 -3.40 -32.42 -11.74
C LYS A 169 -4.69 -33.07 -11.24
N ALA A 170 -4.92 -33.13 -9.92
CA ALA A 170 -6.07 -33.82 -9.29
C ALA A 170 -7.41 -33.28 -9.81
N THR A 171 -7.52 -31.97 -10.05
CA THR A 171 -8.78 -31.29 -10.51
C THR A 171 -8.77 -30.97 -12.01
N ARG A 172 -7.66 -31.17 -12.72
CA ARG A 172 -7.51 -30.89 -14.17
C ARG A 172 -7.87 -29.43 -14.48
N ARG A 173 -7.13 -28.49 -13.87
CA ARG A 173 -7.27 -27.03 -14.05
C ARG A 173 -5.89 -26.40 -14.23
N LYS A 174 -5.78 -25.40 -15.10
CA LYS A 174 -4.52 -24.67 -15.36
C LYS A 174 -4.32 -23.64 -14.24
N TYR A 175 -3.49 -23.99 -13.25
CA TYR A 175 -2.98 -23.04 -12.24
C TYR A 175 -1.89 -22.22 -12.93
N LEU A 176 -1.83 -20.91 -12.64
CA LEU A 176 -0.86 -19.97 -13.25
C LEU A 176 0.08 -19.31 -12.23
N TYR A 177 -0.23 -19.30 -10.93
CA TYR A 177 0.55 -18.55 -9.94
C TYR A 177 1.34 -19.53 -9.07
N VAL A 178 0.66 -20.47 -8.44
CA VAL A 178 1.31 -21.55 -7.62
C VAL A 178 1.56 -22.76 -8.54
N ALA A 179 2.37 -22.53 -9.55
CA ALA A 179 2.51 -23.41 -10.74
C ALA A 179 3.94 -23.38 -11.31
N ASP A 180 4.37 -24.46 -11.97
CA ASP A 180 5.71 -24.53 -12.60
C ASP A 180 5.87 -23.44 -13.67
N SER A 181 4.81 -23.07 -14.37
CA SER A 181 4.86 -22.04 -15.44
C SER A 181 5.28 -20.70 -14.83
N HIS A 182 4.88 -20.39 -13.60
CA HIS A 182 5.32 -19.15 -12.92
C HIS A 182 6.81 -19.24 -12.59
N VAL A 183 7.25 -20.38 -12.07
CA VAL A 183 8.65 -20.64 -11.65
C VAL A 183 9.57 -20.55 -12.87
N GLU A 184 9.10 -21.03 -14.03
CA GLU A 184 9.83 -21.04 -15.34
C GLU A 184 10.08 -19.60 -15.80
N VAL A 185 9.04 -18.74 -15.82
CA VAL A 185 9.22 -17.35 -16.32
C VAL A 185 10.21 -16.65 -15.37
N GLU A 186 10.12 -16.95 -14.07
CA GLU A 186 10.96 -16.35 -13.01
C GLU A 186 12.40 -16.82 -13.19
N THR A 187 12.59 -18.10 -13.55
CA THR A 187 13.94 -18.71 -13.64
C THR A 187 14.76 -17.91 -14.67
N GLY A 188 14.16 -17.57 -15.82
CA GLY A 188 14.78 -16.69 -16.83
C GLY A 188 14.45 -15.24 -16.59
N HIS A 189 14.98 -14.65 -15.50
CA HIS A 189 14.61 -13.28 -15.00
C HIS A 189 15.76 -12.68 -14.18
N ILE A 197 23.29 -12.80 -11.88
CA ILE A 197 22.69 -12.31 -13.16
C ILE A 197 23.82 -11.76 -14.05
N THR A 198 23.61 -11.86 -15.37
CA THR A 198 24.63 -11.63 -16.43
C THR A 198 25.35 -10.30 -16.21
N ILE A 199 24.62 -9.18 -16.15
CA ILE A 199 25.23 -7.82 -16.24
C ILE A 199 25.87 -7.47 -14.89
N LEU A 200 25.27 -7.88 -13.77
CA LEU A 200 25.83 -7.67 -12.40
C LEU A 200 27.20 -8.34 -12.29
N GLU A 201 27.33 -9.59 -12.76
CA GLU A 201 28.59 -10.38 -12.80
C GLU A 201 29.63 -9.64 -13.67
N GLN A 202 29.16 -8.99 -14.74
CA GLN A 202 29.98 -8.17 -15.67
C GLN A 202 30.20 -6.76 -15.12
N THR A 203 29.84 -6.49 -13.86
CA THR A 203 29.81 -5.12 -13.28
C THR A 203 30.86 -4.97 -12.19
N GLN A 204 31.71 -3.96 -12.33
CA GLN A 204 32.60 -3.43 -11.25
C GLN A 204 31.76 -2.49 -10.40
N LEU A 205 31.83 -2.60 -9.08
CA LEU A 205 31.19 -1.63 -8.16
C LEU A 205 32.24 -1.08 -7.20
N SER A 206 32.04 0.17 -6.77
CA SER A 206 32.94 0.89 -5.82
C SER A 206 32.84 0.23 -4.45
N SER A 207 33.69 0.67 -3.51
CA SER A 207 33.65 0.28 -2.07
C SER A 207 32.26 0.58 -1.48
N GLU A 208 31.75 1.79 -1.69
CA GLU A 208 30.47 2.29 -1.14
C GLU A 208 29.34 1.41 -1.65
N GLN A 209 29.27 1.23 -2.98
CA GLN A 209 28.26 0.37 -3.66
C GLN A 209 28.26 -1.02 -3.02
N GLU A 210 29.45 -1.55 -2.74
CA GLU A 210 29.63 -2.90 -2.16
C GLU A 210 28.96 -2.96 -0.79
N GLU A 211 29.23 -1.98 0.07
CA GLU A 211 28.67 -1.94 1.44
C GLU A 211 27.15 -1.74 1.39
N LYS A 212 26.66 -0.85 0.51
CA LYS A 212 25.21 -0.62 0.28
C LYS A 212 24.57 -1.86 -0.35
N ALA A 213 25.31 -2.60 -1.19
CA ALA A 213 24.82 -3.83 -1.84
C ALA A 213 24.56 -4.88 -0.77
N LYS A 214 25.44 -4.93 0.23
CA LYS A 214 25.35 -5.84 1.39
C LYS A 214 24.07 -5.55 2.19
N GLU A 215 23.85 -4.27 2.48
CA GLU A 215 22.66 -3.78 3.22
C GLU A 215 21.36 -4.19 2.51
N ILE A 216 21.28 -3.96 1.19
CA ILE A 216 20.10 -4.33 0.36
C ILE A 216 19.80 -5.82 0.53
N VAL A 217 20.82 -6.66 0.28
CA VAL A 217 20.63 -8.14 0.29
C VAL A 217 20.13 -8.55 1.68
N ASN A 218 20.69 -8.00 2.75
CA ASN A 218 20.27 -8.35 4.13
C ASN A 218 18.81 -7.92 4.33
N LYS A 219 18.46 -6.69 3.93
CA LYS A 219 17.10 -6.20 4.25
C LYS A 219 16.08 -6.96 3.41
N VAL A 220 16.34 -7.19 2.13
CA VAL A 220 15.40 -7.93 1.25
C VAL A 220 15.13 -9.31 1.85
N PHE A 221 16.16 -10.03 2.27
CA PHE A 221 15.95 -11.38 2.84
C PHE A 221 15.29 -11.31 4.24
N GLN A 222 15.58 -10.32 5.10
CA GLN A 222 14.91 -10.25 6.42
C GLN A 222 13.44 -9.89 6.22
N TRP A 223 13.12 -8.97 5.30
CA TRP A 223 11.69 -8.62 5.10
C TRP A 223 10.94 -9.81 4.51
N SER A 224 11.59 -10.63 3.66
CA SER A 224 10.97 -11.80 3.03
C SER A 224 10.78 -12.85 4.12
N THR A 225 11.77 -12.97 5.01
CA THR A 225 11.69 -13.84 6.22
C THR A 225 10.50 -13.45 7.10
N ASN A 226 10.25 -12.16 7.26
CA ASN A 226 9.14 -11.67 8.12
C ASN A 226 7.81 -12.05 7.46
N LEU A 227 7.69 -11.83 6.15
CA LEU A 227 6.47 -12.21 5.40
C LEU A 227 6.24 -13.72 5.61
N ILE A 228 7.27 -14.54 5.47
CA ILE A 228 7.10 -16.00 5.56
C ILE A 228 6.72 -16.41 6.98
N GLY A 229 7.24 -15.73 7.99
CA GLY A 229 6.81 -15.90 9.39
C GLY A 229 5.33 -15.62 9.59
N GLU A 230 4.81 -14.57 8.95
CA GLU A 230 3.37 -14.29 8.99
C GLU A 230 2.56 -15.36 8.29
N PHE A 231 3.04 -15.90 7.17
CA PHE A 231 2.30 -16.98 6.49
C PHE A 231 2.20 -18.16 7.45
N GLU A 232 3.28 -18.53 8.11
CA GLU A 232 3.33 -19.69 9.04
C GLU A 232 2.34 -19.47 10.18
N ARG A 233 2.31 -18.26 10.73
CA ARG A 233 1.38 -17.90 11.83
C ARG A 233 -0.08 -18.01 11.33
N TYR A 234 -0.31 -17.57 10.08
CA TYR A 234 -1.70 -17.55 9.54
C TYR A 234 -2.20 -18.98 9.46
N VAL A 235 -1.38 -19.88 8.94
CA VAL A 235 -1.83 -21.29 8.80
C VAL A 235 -2.26 -21.79 10.16
N LYS A 236 -1.48 -21.49 11.19
CA LYS A 236 -1.75 -21.99 12.56
C LYS A 236 -3.00 -21.34 13.15
N ALA A 237 -3.35 -20.13 12.76
CA ALA A 237 -4.53 -19.40 13.29
C ALA A 237 -5.81 -19.82 12.56
N HIS A 238 -5.68 -20.49 11.43
CA HIS A 238 -6.77 -20.65 10.41
C HIS A 238 -6.76 -22.08 9.89
N ARG A 239 -6.57 -23.04 10.80
CA ARG A 239 -6.20 -24.42 10.39
C ARG A 239 -7.40 -25.06 9.65
N SER A 240 -8.63 -24.62 9.91
CA SER A 240 -9.87 -25.14 9.26
C SER A 240 -10.07 -24.59 7.84
N GLU A 241 -9.38 -23.52 7.41
CA GLU A 241 -9.72 -22.79 6.16
C GLU A 241 -8.87 -23.31 5.00
N LYS A 242 -8.97 -24.61 4.74
CA LYS A 242 -8.22 -25.31 3.66
C LYS A 242 -8.83 -24.90 2.31
N ALA A 243 -8.00 -24.97 1.26
CA ALA A 243 -8.44 -24.67 -0.11
C ALA A 243 -9.64 -25.59 -0.41
N GLN A 244 -10.56 -25.14 -1.24
CA GLN A 244 -11.77 -25.88 -1.64
C GLN A 244 -11.85 -25.85 -3.15
N PRO A 245 -10.91 -26.50 -3.89
CA PRO A 245 -10.99 -26.55 -5.35
C PRO A 245 -12.10 -27.49 -5.85
N THR A 246 -12.55 -27.29 -7.10
CA THR A 246 -13.51 -28.18 -7.81
C THR A 246 -12.86 -28.73 -9.09
N ALA A 247 -13.05 -30.03 -9.36
CA ALA A 247 -12.65 -30.75 -10.59
C ALA A 247 -13.38 -30.16 -11.81
N ALA A 248 -12.70 -30.12 -12.96
CA ALA A 248 -13.22 -29.57 -14.24
C ALA A 248 -14.55 -30.23 -14.61
N MET B 11 10.11 30.52 7.87
CA MET B 11 9.04 29.65 8.44
C MET B 11 7.66 30.30 8.29
N LYS B 12 7.57 31.64 8.38
CA LYS B 12 6.31 32.38 8.14
C LYS B 12 5.94 32.23 6.66
N ALA B 13 6.93 32.23 5.76
CA ALA B 13 6.74 32.01 4.31
C ALA B 13 6.08 30.66 4.11
N ILE B 14 6.61 29.61 4.77
CA ILE B 14 6.17 28.18 4.65
C ILE B 14 4.69 28.10 5.06
N LEU B 15 4.34 28.68 6.22
CA LEU B 15 2.95 28.75 6.75
C LEU B 15 2.08 29.58 5.79
N GLN B 16 2.63 30.59 5.13
CA GLN B 16 1.84 31.44 4.18
C GLN B 16 1.60 30.66 2.88
N LEU B 17 2.57 29.87 2.43
CA LEU B 17 2.44 29.00 1.23
C LEU B 17 1.32 28.00 1.46
N ILE B 18 1.33 27.37 2.64
CA ILE B 18 0.29 26.37 3.06
C ILE B 18 -1.08 27.05 2.95
N LEU B 19 -1.24 28.32 3.38
CA LEU B 19 -2.57 29.01 3.25
C LEU B 19 -2.91 29.23 1.78
N GLU B 20 -1.93 29.75 1.04
CA GLU B 20 -2.05 29.93 -0.43
C GLU B 20 -2.57 28.63 -1.05
N LYS B 21 -1.98 27.48 -0.72
CA LYS B 21 -2.33 26.18 -1.37
C LYS B 21 -3.72 25.75 -0.95
N ARG B 22 -4.06 25.97 0.34
CA ARG B 22 -5.38 25.66 0.91
C ARG B 22 -6.46 26.45 0.17
N GLN B 23 -6.22 27.74 -0.07
CA GLN B 23 -7.18 28.64 -0.77
C GLN B 23 -7.38 28.15 -2.21
N GLU B 24 -6.32 27.72 -2.91
CA GLU B 24 -6.42 27.05 -4.24
C GLU B 24 -7.19 25.74 -4.04
N PHE B 25 -6.72 24.89 -3.13
CA PHE B 25 -7.26 23.53 -2.91
C PHE B 25 -8.77 23.60 -2.64
N GLU B 26 -9.20 24.57 -1.82
CA GLU B 26 -10.61 24.74 -1.41
C GLU B 26 -11.55 24.93 -2.61
N LYS B 27 -11.05 25.41 -3.77
CA LYS B 27 -11.87 25.84 -4.94
C LYS B 27 -12.08 24.72 -5.96
N LEU B 28 -11.51 23.53 -5.76
CA LEU B 28 -11.53 22.48 -6.81
C LEU B 28 -12.97 22.13 -7.08
N PRO B 29 -13.28 21.80 -8.35
CA PRO B 29 -14.62 21.43 -8.74
C PRO B 29 -15.23 20.38 -7.81
N CYS B 30 -14.46 19.36 -7.42
CA CYS B 30 -14.94 18.30 -6.51
C CYS B 30 -15.69 18.97 -5.34
N PHE B 31 -15.06 19.96 -4.70
CA PHE B 31 -15.56 20.58 -3.44
C PHE B 31 -16.77 21.47 -3.70
N GLU B 32 -16.80 22.13 -4.87
CA GLU B 32 -17.97 22.95 -5.31
C GLU B 32 -19.17 22.03 -5.38
N PHE B 33 -18.97 20.83 -5.96
CA PHE B 33 -19.96 19.74 -6.10
C PHE B 33 -20.37 19.27 -4.70
N VAL B 34 -19.40 19.02 -3.82
CA VAL B 34 -19.65 18.38 -2.49
C VAL B 34 -20.48 19.33 -1.64
N ARG B 35 -20.22 20.63 -1.77
CA ARG B 35 -20.88 21.72 -1.00
C ARG B 35 -22.19 22.16 -1.67
N ASP B 36 -22.62 21.56 -2.78
CA ASP B 36 -23.80 22.03 -3.56
C ASP B 36 -25.09 21.49 -2.94
N GLU B 37 -25.74 22.30 -2.08
CA GLU B 37 -26.92 21.84 -1.35
C GLU B 37 -28.10 21.64 -2.34
N THR B 38 -27.96 22.10 -3.59
CA THR B 38 -28.99 21.87 -4.66
C THR B 38 -29.02 20.42 -5.11
N ILE B 39 -27.92 19.67 -4.89
CA ILE B 39 -27.80 18.23 -5.25
C ILE B 39 -27.98 17.41 -3.97
N SER B 40 -28.74 16.32 -4.01
CA SER B 40 -28.97 15.44 -2.83
C SER B 40 -27.63 15.02 -2.21
N PRO B 41 -27.56 14.91 -0.86
CA PRO B 41 -26.29 14.57 -0.22
C PRO B 41 -25.86 13.14 -0.63
N GLU B 42 -26.79 12.27 -0.98
CA GLU B 42 -26.45 10.88 -1.40
C GLU B 42 -25.59 10.94 -2.68
N GLU B 43 -25.91 11.85 -3.59
CA GLU B 43 -25.18 11.94 -4.87
C GLU B 43 -23.81 12.56 -4.62
N ARG B 44 -23.74 13.48 -3.66
CA ARG B 44 -22.50 14.24 -3.40
C ARG B 44 -21.47 13.32 -2.71
N LEU B 45 -21.93 12.23 -2.13
CA LEU B 45 -21.08 11.23 -1.44
C LEU B 45 -20.86 10.01 -2.32
N ILE B 46 -21.06 10.15 -3.64
CA ILE B 46 -20.70 9.04 -4.59
C ILE B 46 -19.20 8.69 -4.50
N LEU B 47 -18.31 9.64 -4.27
CA LEU B 47 -16.84 9.45 -4.19
C LEU B 47 -16.50 8.59 -2.95
N TYR B 48 -17.42 8.37 -2.01
CA TYR B 48 -17.10 7.78 -0.67
C TYR B 48 -16.29 6.47 -0.76
N PRO B 49 -16.73 5.44 -1.52
CA PRO B 49 -15.98 4.17 -1.53
C PRO B 49 -14.55 4.35 -2.06
N CYS B 50 -14.27 5.36 -2.87
CA CYS B 50 -12.90 5.72 -3.33
C CYS B 50 -11.93 5.85 -2.15
N ILE B 51 -12.40 6.30 -1.00
CA ILE B 51 -11.46 6.66 0.09
C ILE B 51 -10.87 5.31 0.62
N ALA B 52 -11.55 4.21 0.36
CA ALA B 52 -11.03 2.84 0.70
C ALA B 52 -9.58 2.67 0.27
N ALA B 53 -9.13 3.31 -0.81
CA ALA B 53 -7.76 3.16 -1.34
C ALA B 53 -6.80 4.01 -0.54
N PHE B 54 -7.33 4.89 0.34
CA PHE B 54 -6.50 5.84 1.11
C PHE B 54 -6.57 5.56 2.63
N ALA B 55 -7.73 5.29 3.18
CA ALA B 55 -7.96 5.54 4.64
C ALA B 55 -7.12 4.58 5.50
N LEU B 56 -6.96 3.34 5.05
CA LEU B 56 -6.22 2.34 5.86
C LEU B 56 -4.73 2.51 5.60
N ASN B 57 -4.35 2.88 4.38
CA ASN B 57 -2.97 3.31 4.08
C ASN B 57 -2.55 4.45 4.99
N PHE B 58 -3.48 5.38 5.28
CA PHE B 58 -3.20 6.55 6.13
C PHE B 58 -2.98 6.09 7.58
N ARG B 59 -3.82 5.19 8.00
CA ARG B 59 -3.65 4.55 9.35
C ARG B 59 -2.20 4.06 9.44
N ASP B 60 -1.75 3.31 8.46
CA ASP B 60 -0.42 2.64 8.46
C ASP B 60 0.68 3.70 8.37
N LEU B 61 0.47 4.77 7.58
CA LEU B 61 1.43 5.87 7.54
C LEU B 61 1.67 6.40 8.96
N ASN B 62 0.61 6.54 9.73
CA ASN B 62 0.70 7.11 11.10
C ASN B 62 1.36 6.09 12.01
N ARG B 63 0.91 4.84 11.98
CA ARG B 63 1.41 3.77 12.88
C ARG B 63 2.89 3.49 12.66
N TYR B 64 3.34 3.43 11.41
CA TYR B 64 4.58 2.71 11.01
C TYR B 64 5.62 3.63 10.35
N ASP B 65 5.20 4.75 9.77
CA ASP B 65 6.13 5.65 9.05
C ASP B 65 6.38 6.93 9.85
N TYR B 66 5.35 7.66 10.27
CA TYR B 66 5.52 8.96 10.97
C TYR B 66 6.11 8.72 12.37
N ARG B 67 5.54 7.77 13.10
CA ARG B 67 5.77 7.50 14.55
C ARG B 67 7.19 6.96 14.77
N ASP B 68 7.89 7.53 15.77
CA ASP B 68 9.16 6.99 16.30
C ASP B 68 9.07 6.97 17.84
N ASP B 69 8.60 5.87 18.43
CA ASP B 69 8.23 5.82 19.87
C ASP B 69 9.43 6.13 20.76
N ASN B 70 10.62 5.69 20.37
CA ASN B 70 11.86 5.80 21.20
C ASN B 70 12.46 7.22 21.19
N SER B 71 11.97 8.17 20.38
CA SER B 71 12.63 9.48 20.17
C SER B 71 12.50 10.40 21.40
N SER B 72 13.56 11.17 21.69
CA SER B 72 13.63 12.26 22.71
C SER B 72 13.38 13.62 22.04
N ASP B 73 13.40 13.66 20.71
CA ASP B 73 13.28 14.92 19.94
C ASP B 73 11.98 15.63 20.33
N TYR B 74 12.05 16.94 20.57
CA TYR B 74 10.89 17.77 20.96
C TYR B 74 9.76 17.59 19.93
N TYR B 75 10.08 17.74 18.65
CA TYR B 75 9.12 17.75 17.51
C TYR B 75 8.57 16.34 17.28
N GLN B 76 9.41 15.30 17.47
CA GLN B 76 8.97 13.89 17.25
C GLN B 76 7.96 13.49 18.31
N LYS B 77 8.09 13.94 19.56
CA LYS B 77 7.15 13.54 20.65
C LYS B 77 5.77 14.12 20.37
N ILE B 78 5.70 15.31 19.80
CA ILE B 78 4.46 15.98 19.34
C ILE B 78 3.87 15.20 18.16
N ILE B 79 4.69 14.83 17.17
CA ILE B 79 4.25 13.98 16.01
C ILE B 79 3.65 12.69 16.58
N ASN B 80 4.35 12.03 17.51
CA ASN B 80 3.87 10.74 18.08
C ASN B 80 2.45 10.90 18.65
N ILE B 81 2.19 11.95 19.44
CA ILE B 81 0.83 12.17 20.02
C ILE B 81 -0.20 12.33 18.88
N HIS B 82 0.12 13.18 17.92
CA HIS B 82 -0.69 13.44 16.71
C HIS B 82 -1.01 12.12 16.00
N THR B 83 -0.02 11.24 15.81
CA THR B 83 -0.18 9.98 15.05
C THR B 83 -1.17 9.07 15.77
N GLN B 84 -1.14 9.07 17.09
CA GLN B 84 -2.02 8.20 17.92
C GLN B 84 -3.47 8.62 17.63
N GLU B 85 -3.73 9.92 17.48
CA GLU B 85 -5.12 10.34 17.18
C GLU B 85 -5.47 9.92 15.73
N ASP B 86 -4.64 10.31 14.78
CA ASP B 86 -4.94 10.15 13.33
C ASP B 86 -5.05 8.66 12.99
N ALA B 87 -4.32 7.78 13.68
CA ALA B 87 -4.35 6.31 13.44
C ALA B 87 -5.69 5.71 13.85
N LYS B 88 -6.59 6.48 14.47
CA LYS B 88 -7.93 5.96 14.87
C LYS B 88 -9.00 6.17 13.78
N HIS B 89 -8.79 7.05 12.81
CA HIS B 89 -9.91 7.55 11.96
C HIS B 89 -10.37 6.49 10.95
N TRP B 90 -9.52 5.51 10.65
CA TRP B 90 -9.94 4.46 9.68
C TRP B 90 -11.17 3.70 10.15
N GLU B 91 -11.36 3.51 11.47
CA GLU B 91 -12.58 2.82 11.95
C GLU B 91 -13.84 3.68 11.65
N TRP B 92 -13.72 4.97 11.80
CA TRP B 92 -14.80 5.93 11.46
C TRP B 92 -15.14 5.81 9.96
N PHE B 93 -14.13 5.68 9.11
CA PHE B 93 -14.34 5.44 7.65
C PHE B 93 -15.20 4.17 7.49
N LEU B 94 -14.81 3.06 8.14
CA LEU B 94 -15.60 1.82 7.98
C LEU B 94 -17.02 1.97 8.54
N ASN B 95 -17.19 2.67 9.68
CA ASN B 95 -18.53 2.99 10.24
C ASN B 95 -19.43 3.63 9.16
N ASP B 96 -18.98 4.69 8.53
CA ASP B 96 -19.82 5.50 7.60
C ASP B 96 -19.96 4.74 6.28
N LEU B 97 -18.99 3.88 5.94
CA LEU B 97 -19.13 3.05 4.73
C LEU B 97 -20.40 2.21 4.86
N GLU B 98 -20.61 1.60 6.02
CA GLU B 98 -21.79 0.74 6.29
C GLU B 98 -23.06 1.63 6.26
N LEU B 99 -23.07 2.71 7.03
CA LEU B 99 -24.23 3.65 7.10
C LEU B 99 -24.63 4.13 5.71
N LEU B 100 -23.66 4.45 4.85
CA LEU B 100 -23.95 5.04 3.51
C LEU B 100 -24.42 3.96 2.51
N GLY B 101 -24.37 2.66 2.90
CA GLY B 101 -24.82 1.53 2.07
C GLY B 101 -23.75 1.11 1.07
N PHE B 102 -22.49 1.55 1.25
CA PHE B 102 -21.34 1.29 0.35
C PHE B 102 -20.58 0.03 0.79
N ASP B 103 -20.98 -0.58 1.89
CA ASP B 103 -20.31 -1.81 2.40
C ASP B 103 -21.03 -3.04 1.79
N LYS B 104 -20.89 -3.21 0.49
CA LYS B 104 -21.72 -4.13 -0.30
C LYS B 104 -21.00 -5.48 -0.32
N THR B 105 -21.77 -6.55 -0.53
CA THR B 105 -21.26 -7.93 -0.71
C THR B 105 -20.64 -7.97 -2.10
N MET B 106 -19.39 -8.47 -2.19
CA MET B 106 -18.70 -8.63 -3.47
C MET B 106 -17.77 -9.83 -3.32
N ARG B 107 -17.24 -10.30 -4.42
CA ARG B 107 -16.11 -11.27 -4.40
C ARG B 107 -14.89 -10.56 -3.82
N PHE B 108 -14.05 -11.30 -3.08
CA PHE B 108 -12.75 -10.76 -2.63
C PHE B 108 -12.02 -10.08 -3.77
N SER B 109 -11.95 -10.73 -4.96
CA SER B 109 -11.21 -10.23 -6.13
C SER B 109 -11.74 -8.86 -6.57
N GLU B 110 -13.07 -8.71 -6.57
CA GLU B 110 -13.75 -7.41 -6.89
C GLU B 110 -13.24 -6.30 -5.93
N ALA B 111 -13.16 -6.58 -4.63
CA ALA B 111 -12.60 -5.61 -3.66
C ALA B 111 -11.15 -5.29 -4.01
N LEU B 112 -10.29 -6.31 -4.27
CA LEU B 112 -8.89 -5.99 -4.59
C LEU B 112 -8.80 -5.14 -5.88
N ARG B 113 -9.59 -5.48 -6.90
CA ARG B 113 -9.52 -4.85 -8.22
C ARG B 113 -10.02 -3.41 -8.09
N PHE B 114 -10.83 -3.19 -7.08
CA PHE B 114 -11.41 -1.84 -6.83
C PHE B 114 -10.31 -0.98 -6.22
N VAL B 115 -9.77 -1.48 -5.12
CA VAL B 115 -8.70 -0.75 -4.43
C VAL B 115 -7.54 -0.46 -5.38
N TRP B 116 -7.12 -1.47 -6.18
CA TRP B 116 -5.91 -1.38 -7.02
C TRP B 116 -6.26 -0.88 -8.44
N SER B 117 -7.47 -0.35 -8.61
CA SER B 117 -7.91 0.30 -9.89
C SER B 117 -6.88 1.33 -10.37
N ASP B 118 -6.65 1.48 -11.68
CA ASP B 118 -5.73 2.51 -12.21
C ASP B 118 -6.39 3.91 -12.05
N ASP B 119 -7.68 3.91 -11.84
CA ASP B 119 -8.50 5.15 -11.63
C ASP B 119 -8.38 5.62 -10.17
N LEU B 120 -7.77 4.82 -9.27
CA LEU B 120 -7.47 5.23 -7.86
C LEU B 120 -5.97 5.16 -7.58
N LEU B 121 -5.13 5.13 -8.62
CA LEU B 121 -3.66 5.23 -8.46
C LEU B 121 -3.20 6.35 -7.52
N HIS B 122 -3.57 7.64 -7.73
CA HIS B 122 -3.00 8.77 -6.93
C HIS B 122 -3.58 8.69 -5.51
N THR B 123 -4.81 8.26 -5.38
CA THR B 123 -5.55 8.01 -4.09
C THR B 123 -4.76 6.96 -3.30
N ARG B 124 -4.45 5.88 -4.00
CA ARG B 124 -3.77 4.70 -3.38
C ARG B 124 -2.36 5.09 -2.95
N ARG B 125 -1.64 5.89 -3.76
CA ARG B 125 -0.19 6.19 -3.58
C ARG B 125 0.08 7.50 -2.84
N LEU B 126 -0.96 8.23 -2.35
CA LEU B 126 -0.68 9.49 -1.60
C LEU B 126 0.14 9.20 -0.36
N CYS B 127 -0.19 8.16 0.39
CA CYS B 127 0.52 7.80 1.65
C CYS B 127 1.91 7.26 1.33
N HIS B 128 2.02 6.44 0.30
CA HIS B 128 3.30 5.94 -0.25
C HIS B 128 4.23 7.11 -0.57
N ASN B 129 3.75 8.08 -1.35
CA ASN B 129 4.58 9.26 -1.70
C ASN B 129 5.05 9.99 -0.44
N ILE B 130 4.15 10.19 0.52
CA ILE B 130 4.48 10.89 1.78
C ILE B 130 5.53 10.08 2.55
N ALA B 131 5.38 8.76 2.62
CA ALA B 131 6.38 7.88 3.28
C ALA B 131 7.76 8.05 2.64
N VAL B 132 7.83 7.98 1.31
CA VAL B 132 9.11 8.16 0.58
C VAL B 132 9.64 9.57 0.87
N LEU B 133 8.78 10.59 0.84
CA LEU B 133 9.24 11.99 1.04
C LEU B 133 9.86 12.17 2.44
N SER B 134 9.27 11.51 3.45
CA SER B 134 9.45 11.81 4.90
C SER B 134 10.56 10.96 5.52
N HIS B 135 10.97 9.88 4.86
CA HIS B 135 11.60 8.70 5.52
C HIS B 135 12.99 9.05 6.06
N ASP B 136 13.64 10.10 5.56
CA ASP B 136 15.00 10.50 6.01
C ASP B 136 15.02 11.97 6.44
N LEU B 137 13.85 12.56 6.74
CA LEU B 137 13.71 13.95 7.23
C LEU B 137 13.90 13.98 8.76
N GLU B 138 14.53 15.04 9.28
CA GLU B 138 14.56 15.33 10.74
C GLU B 138 13.15 15.66 11.20
N PRO B 139 12.82 15.39 12.48
CA PRO B 139 11.51 15.74 13.06
C PRO B 139 10.86 17.09 12.65
N VAL B 140 11.59 18.21 12.75
CA VAL B 140 11.08 19.56 12.33
C VAL B 140 10.53 19.52 10.90
N MET B 141 11.21 18.82 10.00
CA MET B 141 10.83 18.80 8.56
C MET B 141 9.62 17.87 8.36
N LYS B 142 9.56 16.76 9.10
CA LYS B 142 8.36 15.89 9.17
C LYS B 142 7.15 16.73 9.59
N MET B 143 7.31 17.68 10.51
CA MET B 143 6.19 18.51 11.05
C MET B 143 5.63 19.38 9.91
N VAL B 144 6.48 19.87 9.04
CA VAL B 144 6.05 20.60 7.81
C VAL B 144 5.23 19.62 6.94
N VAL B 145 5.74 18.39 6.71
CA VAL B 145 4.95 17.40 5.92
C VAL B 145 3.56 17.25 6.55
N ILE B 146 3.53 17.01 7.85
CA ILE B 146 2.27 16.67 8.57
C ILE B 146 1.34 17.89 8.57
N GLU B 147 1.86 19.10 8.72
CA GLU B 147 1.02 20.34 8.75
C GLU B 147 0.31 20.48 7.40
N ALA B 148 1.04 20.24 6.30
CA ALA B 148 0.49 20.43 4.95
C ALA B 148 -0.59 19.38 4.75
N MET B 149 -0.23 18.14 5.07
CA MET B 149 -1.15 17.00 4.91
C MET B 149 -2.40 17.25 5.78
N GLU B 150 -2.21 17.74 6.99
CA GLU B 150 -3.33 17.98 7.93
C GLU B 150 -4.23 19.10 7.40
N THR B 151 -3.64 20.14 6.79
CA THR B 151 -4.39 21.28 6.16
C THR B 151 -5.26 20.78 4.98
N ALA B 152 -4.71 19.98 4.05
CA ALA B 152 -5.51 19.35 2.97
C ALA B 152 -6.63 18.49 3.56
N GLY B 153 -6.32 17.65 4.57
CA GLY B 153 -7.37 16.81 5.18
C GLY B 153 -8.53 17.65 5.70
N LEU B 154 -8.23 18.75 6.37
CA LEU B 154 -9.27 19.64 6.98
C LEU B 154 -10.13 20.26 5.87
N VAL B 155 -9.52 20.70 4.76
CA VAL B 155 -10.32 21.13 3.57
C VAL B 155 -11.30 20.04 3.14
N ILE B 156 -10.80 18.80 2.93
CA ILE B 156 -11.68 17.73 2.43
C ILE B 156 -12.80 17.45 3.41
N PHE B 157 -12.50 17.34 4.71
CA PHE B 157 -13.51 16.84 5.66
C PHE B 157 -14.49 17.99 6.00
N HIS B 158 -14.01 19.21 6.03
CA HIS B 158 -14.91 20.41 6.11
C HIS B 158 -15.95 20.27 5.01
N ALA B 159 -15.53 19.96 3.78
CA ALA B 159 -16.43 19.84 2.62
C ALA B 159 -17.34 18.63 2.80
N LEU B 160 -16.77 17.42 2.95
CA LEU B 160 -17.56 16.18 3.07
C LEU B 160 -18.54 16.17 4.25
N ALA B 161 -18.24 16.84 5.36
CA ALA B 161 -19.13 16.90 6.54
C ALA B 161 -20.45 17.64 6.19
N LYS B 162 -20.54 18.34 5.05
CA LYS B 162 -21.78 19.08 4.67
C LYS B 162 -22.85 18.08 4.31
N PRO B 163 -22.70 17.24 3.25
CA PRO B 163 -23.69 16.21 2.97
C PRO B 163 -23.69 15.13 4.06
N GLY B 164 -22.54 14.84 4.68
CA GLY B 164 -22.48 13.83 5.76
C GLY B 164 -23.47 14.16 6.87
N GLU B 165 -23.45 15.41 7.30
CA GLU B 165 -24.28 15.87 8.45
C GLU B 165 -25.74 16.03 8.04
N SER B 166 -26.01 16.39 6.78
CA SER B 166 -27.37 16.35 6.19
C SER B 166 -27.96 14.94 6.25
N ILE B 167 -27.21 13.90 5.86
CA ILE B 167 -27.73 12.51 5.95
C ILE B 167 -27.88 12.11 7.42
N ALA B 168 -26.92 12.44 8.27
CA ALA B 168 -26.94 12.07 9.70
C ALA B 168 -28.23 12.61 10.34
N LYS B 169 -28.59 13.85 10.01
CA LYS B 169 -29.80 14.51 10.58
C LYS B 169 -31.07 13.85 10.04
N ALA B 170 -31.18 13.67 8.72
CA ALA B 170 -32.35 13.08 8.05
C ALA B 170 -32.57 11.61 8.44
N THR B 171 -31.51 10.82 8.75
CA THR B 171 -31.63 9.37 9.03
C THR B 171 -31.59 9.06 10.52
N ARG B 172 -31.29 10.07 11.33
CA ARG B 172 -31.19 9.95 12.80
C ARG B 172 -30.10 8.89 13.12
N ARG B 173 -28.97 8.91 12.39
CA ARG B 173 -27.79 8.03 12.64
C ARG B 173 -26.56 8.88 12.94
N LYS B 174 -25.59 8.32 13.68
CA LYS B 174 -24.39 9.08 14.10
C LYS B 174 -23.28 8.79 13.11
N TYR B 175 -22.93 9.73 12.26
CA TYR B 175 -21.79 9.59 11.32
C TYR B 175 -20.52 10.04 12.03
N LEU B 176 -19.40 9.35 11.79
CA LEU B 176 -18.10 9.58 12.48
C LEU B 176 -17.02 10.12 11.56
N TYR B 177 -17.08 9.87 10.25
CA TYR B 177 -16.01 10.22 9.32
C TYR B 177 -16.36 11.48 8.53
N VAL B 178 -17.44 11.47 7.80
CA VAL B 178 -17.90 12.66 7.03
C VAL B 178 -18.85 13.43 7.96
N ALA B 179 -18.24 13.89 9.04
CA ALA B 179 -18.95 14.36 10.25
C ALA B 179 -18.21 15.55 10.84
N ASP B 180 -18.95 16.45 11.51
CA ASP B 180 -18.35 17.58 12.26
C ASP B 180 -17.40 17.09 13.35
N SER B 181 -17.66 15.95 13.97
CA SER B 181 -16.80 15.39 15.04
C SER B 181 -15.40 15.09 14.52
N HIS B 182 -15.31 14.63 13.27
CA HIS B 182 -13.99 14.34 12.64
C HIS B 182 -13.26 15.65 12.35
N VAL B 183 -13.98 16.63 11.81
CA VAL B 183 -13.43 17.99 11.56
C VAL B 183 -12.98 18.63 12.87
N GLU B 184 -13.71 18.43 13.96
CA GLU B 184 -13.31 19.00 15.28
C GLU B 184 -11.93 18.48 15.72
N VAL B 185 -11.63 17.16 15.64
CA VAL B 185 -10.32 16.64 16.11
C VAL B 185 -9.21 17.12 15.18
N GLU B 186 -9.51 17.22 13.88
CA GLU B 186 -8.51 17.55 12.83
C GLU B 186 -8.30 19.06 12.78
N THR B 187 -9.20 19.81 13.41
CA THR B 187 -9.09 21.29 13.52
C THR B 187 -7.93 21.59 14.46
N GLY B 188 -7.86 20.84 15.56
CA GLY B 188 -6.69 20.80 16.45
C GLY B 188 -5.39 20.50 15.69
N HIS B 189 -5.40 19.59 14.71
CA HIS B 189 -4.18 19.10 14.00
C HIS B 189 -3.65 20.16 13.02
N THR B 198 1.20 27.00 16.66
CA THR B 198 1.72 27.33 18.02
C THR B 198 3.07 26.63 18.27
N ILE B 199 3.62 25.92 17.27
CA ILE B 199 4.93 25.21 17.35
C ILE B 199 5.76 25.53 16.09
N LEU B 200 5.18 25.40 14.89
CA LEU B 200 5.84 25.86 13.63
C LEU B 200 6.10 27.37 13.72
N GLU B 201 5.11 28.15 14.15
CA GLU B 201 5.25 29.59 14.50
C GLU B 201 6.54 29.80 15.28
N GLN B 202 6.73 28.96 16.31
CA GLN B 202 7.84 28.97 17.30
C GLN B 202 9.02 28.15 16.73
N THR B 203 9.56 28.55 15.56
CA THR B 203 10.72 27.89 14.87
C THR B 203 11.19 28.72 13.66
N GLN B 204 12.49 28.64 13.33
CA GLN B 204 13.12 29.27 12.13
C GLN B 204 14.06 28.26 11.44
N LEU B 205 14.00 28.21 10.11
CA LEU B 205 14.61 27.14 9.29
C LEU B 205 15.96 27.59 8.72
N SER B 206 16.91 26.67 8.57
CA SER B 206 18.15 26.86 7.78
C SER B 206 17.77 27.28 6.36
N SER B 207 18.71 27.86 5.62
CA SER B 207 18.53 28.26 4.19
C SER B 207 18.03 27.06 3.39
N GLU B 208 18.72 25.92 3.50
CA GLU B 208 18.37 24.63 2.83
C GLU B 208 16.98 24.16 3.27
N GLN B 209 16.69 24.20 4.57
CA GLN B 209 15.42 23.70 5.16
C GLN B 209 14.23 24.45 4.55
N GLU B 210 14.35 25.75 4.29
CA GLU B 210 13.24 26.58 3.72
C GLU B 210 12.93 26.09 2.29
N GLU B 211 13.97 25.73 1.53
CA GLU B 211 13.81 25.28 0.13
C GLU B 211 13.12 23.90 0.13
N LYS B 212 13.59 23.00 0.99
CA LYS B 212 13.00 21.64 1.18
C LYS B 212 11.53 21.79 1.61
N ALA B 213 11.27 22.68 2.55
CA ALA B 213 9.92 22.93 3.11
C ALA B 213 8.96 23.33 2.01
N LYS B 214 9.39 24.21 1.08
CA LYS B 214 8.52 24.71 -0.02
C LYS B 214 8.18 23.55 -0.94
N GLU B 215 9.17 22.70 -1.24
CA GLU B 215 9.03 21.48 -2.08
C GLU B 215 8.06 20.52 -1.39
N ILE B 216 8.24 20.30 -0.09
CA ILE B 216 7.28 19.47 0.71
C ILE B 216 5.86 19.98 0.52
N VAL B 217 5.61 21.27 0.76
CA VAL B 217 4.23 21.83 0.71
C VAL B 217 3.69 21.67 -0.70
N ASN B 218 4.49 22.05 -1.70
CA ASN B 218 4.15 21.89 -3.13
C ASN B 218 3.79 20.41 -3.40
N LYS B 219 4.61 19.44 -2.98
CA LYS B 219 4.32 18.01 -3.27
C LYS B 219 3.02 17.55 -2.61
N VAL B 220 2.84 17.79 -1.31
CA VAL B 220 1.64 17.31 -0.57
C VAL B 220 0.36 17.85 -1.21
N PHE B 221 0.31 19.15 -1.56
CA PHE B 221 -0.90 19.71 -2.22
C PHE B 221 -1.05 19.20 -3.66
N GLN B 222 0.04 18.93 -4.38
CA GLN B 222 -0.02 18.37 -5.75
C GLN B 222 -0.59 16.95 -5.66
N TRP B 223 -0.05 16.16 -4.73
CA TRP B 223 -0.58 14.77 -4.56
C TRP B 223 -2.03 14.77 -4.06
N SER B 224 -2.41 15.70 -3.17
CA SER B 224 -3.80 15.80 -2.67
C SER B 224 -4.72 16.21 -3.82
N THR B 225 -4.31 17.18 -4.65
CA THR B 225 -5.11 17.59 -5.84
C THR B 225 -5.29 16.42 -6.81
N ASN B 226 -4.25 15.58 -7.03
CA ASN B 226 -4.32 14.35 -7.86
C ASN B 226 -5.37 13.37 -7.31
N LEU B 227 -5.41 13.15 -5.98
CA LEU B 227 -6.47 12.34 -5.33
C LEU B 227 -7.84 12.96 -5.64
N ILE B 228 -8.00 14.26 -5.44
CA ILE B 228 -9.33 14.91 -5.60
C ILE B 228 -9.80 14.82 -7.07
N GLY B 229 -8.86 14.94 -8.00
CA GLY B 229 -9.06 14.71 -9.45
C GLY B 229 -9.62 13.34 -9.73
N GLU B 230 -9.04 12.27 -9.14
CA GLU B 230 -9.66 10.93 -9.27
C GLU B 230 -11.06 10.86 -8.68
N PHE B 231 -11.34 11.51 -7.55
CA PHE B 231 -12.67 11.46 -6.92
C PHE B 231 -13.66 12.05 -7.94
N GLU B 232 -13.26 13.17 -8.55
CA GLU B 232 -14.11 13.96 -9.50
C GLU B 232 -14.49 13.05 -10.69
N ARG B 233 -13.50 12.35 -11.26
CA ARG B 233 -13.64 11.42 -12.40
C ARG B 233 -14.51 10.23 -12.02
N TYR B 234 -14.34 9.70 -10.80
CA TYR B 234 -15.17 8.57 -10.32
C TYR B 234 -16.64 9.00 -10.24
N VAL B 235 -16.92 10.16 -9.65
CA VAL B 235 -18.29 10.72 -9.49
C VAL B 235 -18.91 10.76 -10.89
N LYS B 236 -18.20 11.34 -11.85
CA LYS B 236 -18.66 11.46 -13.27
C LYS B 236 -18.94 10.05 -13.81
N ALA B 237 -17.94 9.17 -13.72
CA ALA B 237 -17.98 7.82 -14.34
C ALA B 237 -19.00 6.95 -13.63
N HIS B 238 -19.30 7.23 -12.36
CA HIS B 238 -20.25 6.43 -11.55
C HIS B 238 -21.30 7.36 -10.95
N ARG B 239 -21.90 8.23 -11.77
CA ARG B 239 -22.80 9.31 -11.30
C ARG B 239 -24.10 8.72 -10.74
N SER B 240 -24.49 7.50 -11.14
CA SER B 240 -25.75 6.86 -10.70
C SER B 240 -25.56 6.16 -9.33
N GLU B 241 -24.32 5.92 -8.90
CA GLU B 241 -24.03 5.03 -7.74
C GLU B 241 -24.07 5.87 -6.46
N LYS B 242 -25.20 6.52 -6.21
CA LYS B 242 -25.39 7.37 -5.02
C LYS B 242 -25.36 6.53 -3.75
N ALA B 243 -25.15 7.17 -2.61
CA ALA B 243 -25.28 6.51 -1.31
C ALA B 243 -26.72 5.99 -1.11
N GLN B 244 -26.88 4.94 -0.32
CA GLN B 244 -28.19 4.31 0.00
C GLN B 244 -28.30 4.13 1.51
N PRO B 245 -28.39 5.25 2.26
CA PRO B 245 -28.59 5.20 3.71
C PRO B 245 -30.05 4.82 4.00
N THR B 246 -30.31 4.23 5.16
CA THR B 246 -31.66 3.85 5.65
C THR B 246 -31.88 4.59 6.98
N ALA B 247 -33.04 5.24 7.12
CA ALA B 247 -33.50 5.97 8.32
C ALA B 247 -33.06 5.21 9.58
FE FE2 C . 6.08 -13.61 -10.35
FE FE2 D . 10.37 -11.94 -11.89
N TRP E . 6.77 -14.10 -8.06
CA TRP E . 6.06 -13.09 -7.24
C TRP E . 4.81 -12.56 -7.98
O TRP E . 3.88 -11.97 -7.37
CB TRP E . 7.03 -11.95 -6.97
CG TRP E . 8.00 -12.04 -5.83
CD1 TRP E . 9.30 -11.65 -5.92
CD2 TRP E . 7.75 -12.28 -4.43
NE1 TRP E . 9.87 -11.66 -4.68
CE2 TRP E . 8.96 -12.08 -3.76
CE3 TRP E . 6.65 -12.71 -3.66
CZ2 TRP E . 9.10 -12.23 -2.39
CZ3 TRP E . 6.78 -12.86 -2.30
CH2 TRP E . 8.00 -12.63 -1.68
OXT TRP E . 4.70 -12.64 -9.19
NI NI F . 15.44 8.25 0.55
FE FE2 G . -8.83 12.15 10.09
FE FE2 H . -5.07 14.70 12.06
N TRP I . -8.56 12.97 8.20
CA TRP I . -8.26 11.95 7.17
C TRP I . -8.64 10.57 7.71
O TRP I . -8.96 10.43 8.87
CB TRP I . -6.79 11.97 6.79
CG TRP I . -6.23 13.02 5.90
CD1 TRP I . -5.25 13.91 6.23
CD2 TRP I . -6.40 13.13 4.47
NE1 TRP I . -4.78 14.53 5.12
CE2 TRP I . -5.48 14.10 4.03
CE3 TRP I . -7.21 12.49 3.53
CZ2 TRP I . -5.38 14.47 2.68
CZ3 TRP I . -7.08 12.82 2.19
CH2 TRP I . -6.19 13.81 1.79
OXT TRP I . -8.62 9.52 7.02
#